data_5Y62
#
_entry.id   5Y62
#
_cell.length_a   120.297
_cell.length_b   120.297
_cell.length_c   88.392
_cell.angle_alpha   90.00
_cell.angle_beta   90.00
_cell.angle_gamma   90.00
#
_symmetry.space_group_name_H-M   'P 43 21 2'
#
loop_
_entity.id
_entity.type
_entity.pdbx_description
1 polymer YfiR
2 non-polymer "GUANOSINE-5'-MONOPHOSPHATE"
#
_entity_poly.entity_id   1
_entity_poly.type   'polypeptide(L)'
_entity_poly.pdbx_seq_one_letter_code
;GGSDDARTSIEQRSNAVSQVLLGIFSYVRWPKEPAVLQLCVVGPTEYADGLLRGMVQANGRRVHAERRAVDNPDLGTLCN
VIYLGVVDERERQQVFRSLAGHPVLSISERGTECSVGSMFCLNVGGPRITFEANLDSIARSGVRVHPSVLKLARRQATP
;
_entity_poly.pdbx_strand_id   A,B
#
loop_
_chem_comp.id
_chem_comp.type
_chem_comp.name
_chem_comp.formula
5GP non-polymer GUANOSINE-5'-MONOPHOSPHATE 'C10 H14 N5 O8 P'
#
# COMPACT_ATOMS: atom_id res chain seq x y z
N ARG A 7 11.41 13.08 -12.61
CA ARG A 7 10.58 12.86 -11.42
C ARG A 7 11.26 12.03 -10.34
N THR A 8 10.45 11.47 -9.44
CA THR A 8 10.92 10.79 -8.23
C THR A 8 10.37 9.36 -8.13
N SER A 9 11.27 8.39 -7.96
CA SER A 9 10.89 6.97 -7.93
C SER A 9 10.19 6.57 -6.64
N ILE A 10 9.54 5.41 -6.64
CA ILE A 10 8.73 4.96 -5.51
C ILE A 10 9.64 4.75 -4.32
N GLU A 11 10.78 4.15 -4.59
CA GLU A 11 11.75 3.95 -3.54
C GLU A 11 12.21 5.29 -2.96
N GLN A 12 12.52 6.25 -3.84
CA GLN A 12 12.93 7.59 -3.37
C GLN A 12 11.88 8.20 -2.43
N ARG A 13 10.62 8.20 -2.86
CA ARG A 13 9.54 8.81 -2.10
C ARG A 13 9.23 8.08 -0.80
N SER A 14 9.31 6.76 -0.82
CA SER A 14 9.10 5.97 0.37
C SER A 14 10.01 6.44 1.50
N ASN A 15 11.29 6.58 1.19
CA ASN A 15 12.27 6.82 2.24
C ASN A 15 12.19 8.27 2.69
N ALA A 16 11.61 9.09 1.83
CA ALA A 16 11.34 10.49 2.12
C ALA A 16 10.18 10.61 3.08
N VAL A 17 9.12 9.86 2.81
CA VAL A 17 7.92 9.86 3.62
C VAL A 17 8.29 9.46 5.01
N SER A 18 9.19 8.51 5.14
CA SER A 18 9.56 8.08 6.47
C SER A 18 10.30 9.21 7.17
N GLN A 19 11.02 10.02 6.42
CA GLN A 19 11.74 11.13 7.04
C GLN A 19 10.84 12.26 7.41
N VAL A 20 9.85 12.55 6.56
CA VAL A 20 8.91 13.62 6.84
C VAL A 20 8.11 13.27 8.07
N LEU A 21 7.73 12.01 8.18
CA LEU A 21 6.98 11.54 9.34
C LEU A 21 7.78 11.66 10.61
N LEU A 22 9.06 11.32 10.56
CA LEU A 22 9.92 11.51 11.73
C LEU A 22 9.92 12.96 12.13
N GLY A 23 9.87 13.83 11.13
CA GLY A 23 9.82 15.27 11.36
C GLY A 23 8.53 15.69 12.05
N ILE A 24 7.41 15.16 11.60
CA ILE A 24 6.15 15.51 12.23
C ILE A 24 6.12 14.96 13.66
N PHE A 25 6.58 13.74 13.87
CA PHE A 25 6.46 13.10 15.19
C PHE A 25 7.13 13.94 16.27
N SER A 26 8.04 14.82 15.85
CA SER A 26 8.89 15.61 16.76
C SER A 26 8.19 16.87 17.30
N TYR A 27 7.08 17.23 16.70
CA TYR A 27 6.29 18.34 17.18
C TYR A 27 5.09 17.81 17.95
N VAL A 28 5.03 16.50 18.15
CA VAL A 28 3.87 15.92 18.81
C VAL A 28 4.22 15.41 20.19
N ARG A 29 3.31 15.69 21.13
CA ARG A 29 3.44 15.17 22.48
C ARG A 29 2.21 14.32 22.86
N TRP A 30 2.48 13.14 23.38
CA TRP A 30 1.41 12.35 23.97
C TRP A 30 1.35 12.69 25.45
N PRO A 31 0.13 12.69 26.00
CA PRO A 31 -0.05 12.96 27.42
C PRO A 31 0.63 11.90 28.26
N LYS A 32 0.70 10.66 27.78
CA LYS A 32 1.34 9.59 28.55
C LYS A 32 2.42 8.85 27.72
N GLU A 33 3.54 9.52 27.47
CA GLU A 33 4.58 9.04 26.54
C GLU A 33 4.98 7.58 26.70
N PRO A 34 4.71 6.76 25.68
CA PRO A 34 4.99 5.31 25.64
C PRO A 34 6.47 5.00 25.50
N ALA A 35 6.87 3.77 25.83
CA ALA A 35 8.28 3.39 25.76
C ALA A 35 8.66 3.13 24.31
N VAL A 36 7.71 2.49 23.62
CA VAL A 36 7.77 2.32 22.19
C VAL A 36 6.54 2.98 21.58
N LEU A 37 6.77 3.94 20.70
CA LEU A 37 5.69 4.54 19.91
C LEU A 37 5.15 3.51 18.95
N GLN A 38 3.84 3.34 18.92
CA GLN A 38 3.23 2.34 18.05
C GLN A 38 2.61 2.98 16.82
N LEU A 39 3.14 2.71 15.64
CA LEU A 39 2.57 3.20 14.39
C LEU A 39 1.77 2.10 13.72
N CYS A 40 0.61 2.44 13.20
CA CYS A 40 -0.22 1.45 12.52
C CYS A 40 -0.57 1.92 11.13
N VAL A 41 -0.23 1.12 10.14
CA VAL A 41 -0.57 1.44 8.76
C VAL A 41 -1.93 0.83 8.40
N VAL A 42 -2.88 1.67 8.00
CA VAL A 42 -4.24 1.18 7.78
C VAL A 42 -4.70 1.55 6.37
N GLY A 43 -5.21 0.55 5.63
CA GLY A 43 -5.66 0.75 4.27
C GLY A 43 -4.51 0.52 3.31
N PRO A 44 -4.79 0.51 2.01
CA PRO A 44 -3.77 0.37 0.95
C PRO A 44 -2.84 1.57 0.91
N THR A 45 -1.54 1.31 0.75
CA THR A 45 -0.53 2.38 0.76
C THR A 45 0.54 2.13 -0.29
N GLU A 46 1.11 3.20 -0.80
CA GLU A 46 2.12 3.14 -1.84
C GLU A 46 3.51 3.38 -1.24
N TYR A 47 3.57 4.17 -0.17
CA TYR A 47 4.82 4.76 0.32
C TYR A 47 5.17 4.42 1.77
N ALA A 48 4.40 3.50 2.34
CA ALA A 48 4.59 3.12 3.74
C ALA A 48 5.58 1.97 3.89
N ASP A 49 6.09 1.48 2.78
CA ASP A 49 7.03 0.38 2.81
C ASP A 49 8.26 0.70 3.68
N GLY A 50 8.70 1.95 3.66
CA GLY A 50 9.81 2.39 4.48
C GLY A 50 9.46 2.53 5.96
N LEU A 51 8.30 3.14 6.23
CA LEU A 51 7.72 3.14 7.57
C LEU A 51 7.74 1.78 8.22
N LEU A 52 7.36 0.76 7.47
CA LEU A 52 7.09 -0.54 8.08
C LEU A 52 8.33 -1.32 8.48
N ARG A 53 9.52 -0.73 8.33
CA ARG A 53 10.78 -1.38 8.74
C ARG A 53 11.09 -1.11 10.20
N GLY A 54 10.21 -0.34 10.84
CA GLY A 54 10.52 0.26 12.13
C GLY A 54 11.21 1.58 11.86
N MET A 55 11.11 2.52 12.80
CA MET A 55 11.89 3.75 12.73
C MET A 55 12.48 4.06 14.09
N VAL A 56 13.38 5.04 14.13
CA VAL A 56 13.96 5.50 15.39
C VAL A 56 13.98 7.02 15.51
N GLN A 57 13.35 7.51 16.58
CA GLN A 57 13.31 8.95 16.85
C GLN A 57 14.66 9.46 17.35
N ALA A 58 14.90 10.76 17.21
CA ALA A 58 16.21 11.33 17.56
C ALA A 58 16.58 11.12 19.02
N ASN A 59 15.59 10.90 19.88
CA ASN A 59 15.81 10.70 21.30
C ASN A 59 16.02 9.24 21.68
N GLY A 60 16.05 8.37 20.68
CA GLY A 60 16.27 6.96 20.95
C GLY A 60 15.03 6.08 21.04
N ARG A 61 13.84 6.68 21.12
CA ARG A 61 12.63 5.89 21.20
C ARG A 61 12.36 5.16 19.89
N ARG A 62 12.04 3.87 19.98
CA ARG A 62 11.79 3.08 18.78
C ARG A 62 10.37 3.25 18.33
N VAL A 63 10.18 3.30 17.02
CA VAL A 63 8.83 3.40 16.47
C VAL A 63 8.50 2.08 15.83
N HIS A 64 7.59 1.35 16.46
CA HIS A 64 7.19 0.06 15.91
C HIS A 64 6.01 0.19 14.94
N ALA A 65 6.16 -0.34 13.73
CA ALA A 65 5.12 -0.17 12.72
C ALA A 65 4.56 -1.50 12.21
N GLU A 66 3.24 -1.58 12.12
CA GLU A 66 2.61 -2.71 11.45
C GLU A 66 1.23 -2.36 10.89
N ARG A 67 0.72 -3.20 9.99
CA ARG A 67 -0.56 -2.95 9.35
C ARG A 67 -1.68 -3.48 10.21
N ARG A 68 -2.83 -2.81 10.15
CA ARG A 68 -3.99 -3.26 10.88
C ARG A 68 -5.18 -3.17 9.97
N ALA A 69 -6.22 -3.90 10.31
CA ALA A 69 -7.41 -3.93 9.49
C ALA A 69 -8.20 -2.68 9.77
N VAL A 70 -8.81 -2.11 8.75
CA VAL A 70 -9.61 -0.90 8.89
C VAL A 70 -10.67 -1.07 9.95
N ASP A 71 -11.36 -2.20 9.87
CA ASP A 71 -12.45 -2.48 10.78
C ASP A 71 -11.98 -2.89 12.18
N ASN A 72 -10.68 -2.79 12.47
CA ASN A 72 -10.21 -3.12 13.80
C ASN A 72 -10.81 -2.15 14.80
N PRO A 73 -11.64 -2.67 15.71
CA PRO A 73 -12.39 -1.81 16.62
C PRO A 73 -11.50 -1.10 17.64
N ASP A 74 -10.23 -1.49 17.72
CA ASP A 74 -9.39 -1.03 18.80
C ASP A 74 -8.15 -0.35 18.28
N LEU A 75 -8.25 0.20 17.07
CA LEU A 75 -7.16 0.98 16.51
C LEU A 75 -6.67 2.01 17.51
N GLY A 76 -7.56 2.91 17.91
CA GLY A 76 -7.22 4.00 18.83
C GLY A 76 -6.49 3.57 20.09
N THR A 77 -6.59 2.29 20.41
CA THR A 77 -5.97 1.74 21.60
C THR A 77 -4.63 1.10 21.28
N LEU A 78 -4.58 0.34 20.20
CA LEU A 78 -3.36 -0.35 19.78
C LEU A 78 -2.32 0.61 19.16
N CYS A 79 -2.78 1.75 18.64
CA CYS A 79 -1.97 2.69 17.84
C CYS A 79 -1.77 4.05 18.49
N ASN A 80 -0.51 4.51 18.52
CA ASN A 80 -0.15 5.86 18.95
C ASN A 80 -0.25 6.86 17.79
N VAL A 81 0.18 6.40 16.63
CA VAL A 81 0.18 7.15 15.40
C VAL A 81 -0.51 6.28 14.39
N ILE A 82 -1.20 6.87 13.44
CA ILE A 82 -1.86 6.08 12.42
C ILE A 82 -1.61 6.68 11.04
N TYR A 83 -1.09 5.85 10.13
CA TYR A 83 -0.80 6.29 8.78
C TYR A 83 -1.90 5.73 7.89
N LEU A 84 -2.70 6.63 7.32
CA LEU A 84 -3.92 6.23 6.64
C LEU A 84 -3.74 6.19 5.13
N GLY A 85 -4.14 5.09 4.54
CA GLY A 85 -3.98 4.88 3.12
C GLY A 85 -5.28 5.19 2.44
N VAL A 86 -5.50 4.53 1.31
CA VAL A 86 -6.65 4.83 0.48
C VAL A 86 -7.90 4.09 0.95
N VAL A 87 -8.76 4.79 1.68
CA VAL A 87 -10.03 4.20 2.17
C VAL A 87 -11.26 4.91 1.60
N ASP A 88 -12.42 4.25 1.72
CA ASP A 88 -13.66 4.87 1.24
C ASP A 88 -14.43 5.49 2.39
N GLU A 89 -15.54 6.15 2.04
CA GLU A 89 -16.27 6.92 3.03
C GLU A 89 -16.63 6.07 4.24
N ARG A 90 -17.11 4.86 4.01
CA ARG A 90 -17.52 3.98 5.11
C ARG A 90 -16.32 3.59 5.96
N GLU A 91 -15.23 3.21 5.29
CA GLU A 91 -14.02 2.78 5.97
C GLU A 91 -13.43 3.93 6.82
N ARG A 92 -13.45 5.13 6.25
CA ARG A 92 -12.93 6.27 6.95
C ARG A 92 -13.70 6.54 8.24
N GLN A 93 -15.02 6.57 8.17
CA GLN A 93 -15.83 6.83 9.34
C GLN A 93 -15.57 5.79 10.42
N GLN A 94 -15.31 4.55 10.00
CA GLN A 94 -14.99 3.48 10.92
C GLN A 94 -13.75 3.85 11.69
N VAL A 95 -12.68 4.08 10.94
CA VAL A 95 -11.37 4.42 11.50
C VAL A 95 -11.41 5.61 12.46
N PHE A 96 -11.96 6.73 11.99
CA PHE A 96 -12.04 7.93 12.82
C PHE A 96 -13.01 7.86 14.00
N ARG A 97 -13.96 6.93 13.94
CA ARG A 97 -14.73 6.63 15.13
C ARG A 97 -13.88 5.79 16.09
N SER A 98 -13.12 4.84 15.56
CA SER A 98 -12.22 3.99 16.36
C SER A 98 -11.17 4.80 17.12
N LEU A 99 -10.95 6.03 16.67
CA LEU A 99 -9.88 6.85 17.20
C LEU A 99 -10.41 7.81 18.21
N ALA A 100 -11.64 8.26 17.98
CA ALA A 100 -12.26 9.33 18.77
C ALA A 100 -12.14 9.07 20.26
N GLY A 101 -11.60 10.04 21.00
CA GLY A 101 -11.44 9.89 22.42
C GLY A 101 -10.01 9.61 22.84
N HIS A 102 -9.22 9.00 21.97
CA HIS A 102 -7.88 8.55 22.31
C HIS A 102 -6.79 9.48 21.78
N PRO A 103 -5.61 9.52 22.46
CA PRO A 103 -4.46 10.35 22.06
C PRO A 103 -3.68 9.73 20.88
N VAL A 104 -4.07 10.12 19.68
CA VAL A 104 -3.58 9.51 18.46
C VAL A 104 -3.26 10.58 17.39
N LEU A 105 -2.11 10.44 16.74
CA LEU A 105 -1.72 11.30 15.65
C LEU A 105 -2.08 10.63 14.34
N SER A 106 -2.85 11.30 13.48
CA SER A 106 -3.22 10.70 12.21
C SER A 106 -2.60 11.41 11.02
N ILE A 107 -1.93 10.64 10.16
CA ILE A 107 -1.39 11.15 8.90
C ILE A 107 -1.92 10.33 7.72
N SER A 108 -2.19 11.00 6.61
CA SER A 108 -2.71 10.34 5.42
C SER A 108 -1.69 10.39 4.32
N GLU A 109 -1.68 9.37 3.47
CA GLU A 109 -0.77 9.36 2.35
C GLU A 109 -1.21 10.30 1.22
N ARG A 110 -2.52 10.54 1.13
CA ARG A 110 -3.08 11.44 0.11
C ARG A 110 -3.80 12.61 0.76
N GLY A 111 -3.78 13.77 0.08
CA GLY A 111 -4.27 15.02 0.65
C GLY A 111 -5.78 15.15 0.87
N THR A 112 -6.54 14.28 0.22
CA THR A 112 -8.00 14.35 0.25
C THR A 112 -8.59 14.11 1.64
N GLU A 113 -7.85 13.46 2.51
CA GLU A 113 -8.43 12.99 3.76
C GLU A 113 -8.43 14.02 4.89
N CYS A 114 -7.96 15.23 4.60
CA CYS A 114 -7.88 16.26 5.65
C CYS A 114 -9.24 16.85 6.00
N SER A 115 -10.10 16.92 4.98
CA SER A 115 -11.47 17.41 5.09
C SER A 115 -12.31 16.48 5.94
N VAL A 116 -11.85 15.25 6.12
CA VAL A 116 -12.72 14.23 6.66
C VAL A 116 -12.24 13.55 7.94
N GLY A 117 -11.05 13.88 8.41
CA GLY A 117 -10.74 13.49 9.78
C GLY A 117 -9.29 13.49 10.16
N SER A 118 -8.44 13.61 9.15
CA SER A 118 -7.03 13.43 9.33
C SER A 118 -6.41 14.75 9.80
N MET A 119 -5.37 14.62 10.62
CA MET A 119 -4.62 15.76 11.13
C MET A 119 -3.63 16.25 10.09
N PHE A 120 -2.75 15.36 9.64
CA PHE A 120 -1.86 15.71 8.53
C PHE A 120 -2.16 14.86 7.30
N CYS A 121 -2.04 15.49 6.13
CA CYS A 121 -2.22 14.84 4.85
C CYS A 121 -1.03 15.16 3.98
N LEU A 122 -0.48 14.15 3.31
CA LEU A 122 0.73 14.30 2.54
C LEU A 122 0.42 14.59 1.09
N ASN A 123 1.36 15.23 0.40
CA ASN A 123 1.32 15.33 -1.04
C ASN A 123 2.65 14.84 -1.60
N VAL A 124 2.69 13.57 -1.99
CA VAL A 124 3.94 12.90 -2.36
C VAL A 124 4.37 13.21 -3.79
N GLY A 125 3.43 13.67 -4.60
CA GLY A 125 3.80 14.15 -5.92
C GLY A 125 4.74 15.35 -5.89
N GLY A 126 5.30 15.67 -7.04
CA GLY A 126 6.21 16.80 -7.14
C GLY A 126 7.61 16.39 -6.76
N PRO A 127 8.50 17.37 -6.62
CA PRO A 127 9.91 17.14 -6.35
C PRO A 127 10.17 16.91 -4.87
N ARG A 128 9.31 17.46 -4.01
CA ARG A 128 9.46 17.31 -2.57
C ARG A 128 8.14 16.80 -2.05
N ILE A 129 8.16 16.34 -0.80
CA ILE A 129 6.95 15.92 -0.13
C ILE A 129 6.44 17.02 0.78
N THR A 130 5.32 17.61 0.38
CA THR A 130 4.70 18.66 1.15
C THR A 130 3.53 18.05 1.90
N PHE A 131 3.04 18.75 2.92
CA PHE A 131 1.84 18.27 3.60
C PHE A 131 1.00 19.43 4.13
N GLU A 132 -0.23 19.08 4.51
CA GLU A 132 -1.20 20.04 4.98
C GLU A 132 -1.85 19.53 6.26
N ALA A 133 -2.33 20.44 7.08
CA ALA A 133 -2.99 20.04 8.33
C ALA A 133 -4.44 20.57 8.45
N ASN A 134 -5.17 20.03 9.43
CA ASN A 134 -6.54 20.44 9.73
C ASN A 134 -6.68 20.72 11.23
N LEU A 135 -7.05 21.96 11.56
CA LEU A 135 -7.10 22.46 12.94
C LEU A 135 -8.16 21.79 13.79
N ASP A 136 -9.30 21.47 13.17
CA ASP A 136 -10.39 20.76 13.84
C ASP A 136 -9.89 19.40 14.33
N SER A 137 -9.38 18.59 13.40
CA SER A 137 -8.88 17.26 13.72
C SER A 137 -7.76 17.27 14.77
N ILE A 138 -6.88 18.27 14.70
CA ILE A 138 -5.74 18.35 15.61
C ILE A 138 -6.19 18.69 17.01
N ALA A 139 -7.16 19.61 17.09
CA ALA A 139 -7.67 20.06 18.37
C ALA A 139 -8.34 18.90 19.11
N ARG A 140 -9.13 18.13 18.39
CA ARG A 140 -9.80 17.02 19.04
C ARG A 140 -8.92 15.80 19.22
N SER A 141 -7.68 15.86 18.75
CA SER A 141 -6.85 14.67 18.65
C SER A 141 -6.57 14.00 20.00
N GLY A 142 -6.34 14.78 21.04
CA GLY A 142 -5.89 14.22 22.29
C GLY A 142 -4.39 14.28 22.48
N VAL A 143 -3.66 14.69 21.44
CA VAL A 143 -2.22 14.92 21.57
C VAL A 143 -1.95 16.40 21.39
N ARG A 144 -0.77 16.85 21.82
CA ARG A 144 -0.39 18.23 21.61
C ARG A 144 0.57 18.34 20.42
N VAL A 145 0.34 19.33 19.56
CA VAL A 145 1.18 19.59 18.39
C VAL A 145 1.76 21.01 18.41
N HIS A 146 3.07 21.15 18.38
CA HIS A 146 3.61 22.51 18.31
C HIS A 146 3.37 23.09 16.92
N PRO A 147 2.95 24.35 16.84
CA PRO A 147 2.62 24.93 15.54
C PRO A 147 3.79 25.04 14.58
N SER A 148 5.02 24.86 15.08
CA SER A 148 6.21 24.94 14.23
C SER A 148 6.25 23.81 13.22
N VAL A 149 5.38 22.82 13.42
CA VAL A 149 5.32 21.69 12.52
C VAL A 149 5.05 22.18 11.10
N LEU A 150 4.48 23.37 10.96
CA LEU A 150 4.22 23.88 9.62
C LEU A 150 5.46 24.51 8.99
N LYS A 151 6.49 24.79 9.79
CA LYS A 151 7.79 25.27 9.27
C LYS A 151 8.28 24.23 8.27
N LEU A 152 8.00 22.98 8.58
CA LEU A 152 8.38 21.85 7.77
C LEU A 152 7.53 21.74 6.50
N ALA A 153 6.23 22.02 6.62
CA ALA A 153 5.33 21.91 5.46
C ALA A 153 5.58 23.01 4.42
N ARG A 154 5.91 24.21 4.93
CA ARG A 154 6.20 25.43 4.16
C ARG A 154 7.56 25.33 3.48
N ARG A 155 8.55 24.83 4.21
CA ARG A 155 9.92 24.72 3.69
C ARG A 155 10.08 23.55 2.72
N GLN A 156 9.10 22.66 2.69
CA GLN A 156 9.10 21.54 1.75
C GLN A 156 8.38 21.93 0.47
N ALA A 157 7.54 22.97 0.58
CA ALA A 157 6.77 23.50 -0.54
C ALA A 157 7.54 24.59 -1.29
N THR A 158 8.56 25.13 -0.63
CA THR A 158 9.43 26.17 -1.20
C THR A 158 10.40 25.59 -2.21
N PRO A 159 10.22 25.93 -3.49
CA PRO A 159 11.09 25.41 -4.55
C PRO A 159 12.56 25.84 -4.37
N ARG B 7 1.74 -11.91 14.55
CA ARG B 7 1.14 -11.68 13.23
C ARG B 7 -0.30 -11.15 13.37
N THR B 8 -0.59 -10.01 12.77
CA THR B 8 -1.97 -9.49 12.71
C THR B 8 -2.75 -10.21 11.61
N SER B 9 -3.99 -9.79 11.36
CA SER B 9 -4.79 -10.41 10.31
C SER B 9 -4.27 -9.99 8.94
N ILE B 10 -3.60 -8.85 8.87
CA ILE B 10 -3.10 -8.36 7.60
C ILE B 10 -1.84 -9.14 7.24
N GLU B 11 -1.02 -9.39 8.25
CA GLU B 11 0.22 -10.14 8.06
C GLU B 11 -0.07 -11.58 7.66
N GLN B 12 -1.13 -12.17 8.21
CA GLN B 12 -1.49 -13.52 7.80
C GLN B 12 -2.08 -13.53 6.41
N ARG B 13 -2.95 -12.58 6.09
CA ARG B 13 -3.46 -12.51 4.73
C ARG B 13 -2.36 -12.16 3.74
N SER B 14 -1.42 -11.31 4.18
CA SER B 14 -0.28 -10.99 3.34
C SER B 14 0.46 -12.27 2.94
N ASN B 15 0.61 -13.21 3.87
CA ASN B 15 1.23 -14.50 3.57
C ASN B 15 0.39 -15.40 2.70
N ALA B 16 -0.91 -15.43 2.96
CA ALA B 16 -1.82 -16.19 2.13
C ALA B 16 -1.74 -15.64 0.71
N VAL B 17 -1.73 -14.31 0.57
CA VAL B 17 -1.61 -13.73 -0.75
C VAL B 17 -0.35 -14.21 -1.45
N SER B 18 0.74 -14.34 -0.70
CA SER B 18 1.93 -14.92 -1.26
C SER B 18 1.63 -16.31 -1.79
N GLN B 19 1.18 -17.20 -0.91
CA GLN B 19 0.97 -18.60 -1.27
C GLN B 19 0.01 -18.78 -2.48
N VAL B 20 -1.04 -17.95 -2.53
CA VAL B 20 -1.93 -17.95 -3.66
C VAL B 20 -1.25 -17.53 -4.97
N LEU B 21 -0.49 -16.44 -4.96
CA LEU B 21 0.15 -15.96 -6.19
C LEU B 21 1.15 -16.97 -6.69
N LEU B 22 1.88 -17.61 -5.78
CA LEU B 22 2.80 -18.67 -6.18
C LEU B 22 2.06 -19.78 -6.93
N GLY B 23 0.92 -20.20 -6.39
CA GLY B 23 0.10 -21.22 -7.02
C GLY B 23 -0.28 -20.83 -8.43
N ILE B 24 -0.94 -19.67 -8.55
CA ILE B 24 -1.32 -19.14 -9.84
C ILE B 24 -0.15 -19.10 -10.82
N PHE B 25 1.03 -18.74 -10.33
CA PHE B 25 2.22 -18.66 -11.18
C PHE B 25 2.50 -20.00 -11.85
N SER B 26 2.29 -21.08 -11.10
CA SER B 26 2.67 -22.41 -11.54
C SER B 26 1.84 -22.90 -12.74
N TYR B 27 0.80 -22.14 -13.09
CA TYR B 27 -0.06 -22.48 -14.23
C TYR B 27 0.16 -21.50 -15.39
N VAL B 28 1.23 -20.70 -15.32
CA VAL B 28 1.53 -19.72 -16.37
C VAL B 28 2.90 -19.96 -16.99
N ARG B 29 3.00 -19.64 -18.29
CA ARG B 29 4.20 -19.83 -19.09
C ARG B 29 4.57 -18.59 -19.91
N TRP B 30 5.86 -18.29 -19.95
CA TRP B 30 6.34 -17.13 -20.70
C TRP B 30 7.00 -17.55 -22.02
N PRO B 31 6.72 -16.80 -23.10
CA PRO B 31 7.22 -17.08 -24.45
C PRO B 31 8.70 -17.37 -24.38
N LYS B 32 9.43 -16.47 -23.75
CA LYS B 32 10.81 -16.75 -23.37
C LYS B 32 10.86 -16.66 -21.84
N GLU B 33 10.98 -17.82 -21.18
CA GLU B 33 11.04 -17.88 -19.72
C GLU B 33 12.30 -17.21 -19.20
N PRO B 34 12.14 -16.24 -18.28
CA PRO B 34 13.25 -15.45 -17.72
C PRO B 34 13.95 -16.10 -16.52
N ALA B 35 15.21 -15.74 -16.29
CA ALA B 35 16.03 -16.35 -15.24
C ALA B 35 15.51 -15.99 -13.86
N VAL B 36 14.90 -14.82 -13.78
CA VAL B 36 14.34 -14.29 -12.56
C VAL B 36 13.04 -13.65 -12.99
N LEU B 37 11.98 -13.96 -12.26
CA LEU B 37 10.65 -13.48 -12.57
C LEU B 37 10.47 -12.11 -11.95
N GLN B 38 10.06 -11.14 -12.75
CA GLN B 38 9.94 -9.78 -12.26
C GLN B 38 8.52 -9.49 -11.81
N LEU B 39 8.35 -9.31 -10.49
CA LEU B 39 7.06 -8.94 -9.94
C LEU B 39 7.01 -7.44 -9.70
N CYS B 40 5.95 -6.81 -10.21
CA CYS B 40 5.74 -5.39 -9.96
C CYS B 40 4.47 -5.08 -9.20
N VAL B 41 4.66 -4.50 -8.02
CA VAL B 41 3.57 -4.02 -7.18
C VAL B 41 3.29 -2.57 -7.57
N VAL B 42 2.07 -2.30 -8.02
CA VAL B 42 1.74 -1.03 -8.64
C VAL B 42 0.48 -0.42 -8.06
N GLY B 43 0.63 0.69 -7.35
CA GLY B 43 -0.49 1.34 -6.71
C GLY B 43 -0.52 1.00 -5.23
N PRO B 44 -1.47 1.60 -4.51
CA PRO B 44 -1.78 1.32 -3.12
C PRO B 44 -2.20 -0.11 -2.87
N THR B 45 -1.56 -0.78 -1.92
CA THR B 45 -1.90 -2.17 -1.63
C THR B 45 -1.90 -2.41 -0.12
N GLU B 46 -2.71 -3.37 0.33
CA GLU B 46 -2.67 -3.81 1.74
C GLU B 46 -1.83 -5.06 1.95
N TYR B 47 -1.82 -5.97 0.99
CA TYR B 47 -1.29 -7.31 1.23
C TYR B 47 -0.05 -7.71 0.45
N ALA B 48 0.65 -6.73 -0.13
CA ALA B 48 1.78 -7.05 -0.98
C ALA B 48 3.08 -7.17 -0.19
N ASP B 49 3.00 -7.03 1.12
CA ASP B 49 4.18 -7.04 1.96
C ASP B 49 4.91 -8.39 1.97
N GLY B 50 4.22 -9.46 1.60
CA GLY B 50 4.86 -10.76 1.58
C GLY B 50 5.53 -10.98 0.25
N LEU B 51 4.87 -10.49 -0.79
CA LEU B 51 5.40 -10.53 -2.14
C LEU B 51 6.72 -9.80 -2.17
N LEU B 52 6.73 -8.63 -1.55
CA LEU B 52 7.85 -7.71 -1.66
C LEU B 52 9.10 -8.23 -0.97
N ARG B 53 8.93 -9.19 -0.05
CA ARG B 53 10.06 -9.76 0.68
C ARG B 53 10.85 -10.70 -0.22
N GLY B 54 10.29 -10.98 -1.40
CA GLY B 54 10.88 -11.93 -2.31
C GLY B 54 10.22 -13.28 -2.14
N MET B 55 10.14 -14.04 -3.23
CA MET B 55 9.52 -15.35 -3.23
C MET B 55 10.32 -16.26 -4.14
N VAL B 56 10.25 -17.56 -3.88
CA VAL B 56 10.89 -18.50 -4.80
C VAL B 56 9.91 -19.60 -5.27
N GLN B 57 9.86 -19.82 -6.58
CA GLN B 57 8.96 -20.82 -7.15
C GLN B 57 9.35 -22.24 -6.74
N ALA B 58 8.47 -23.20 -7.04
CA ALA B 58 8.74 -24.60 -6.74
C ALA B 58 9.95 -25.07 -7.53
N ASN B 59 10.05 -24.59 -8.76
CA ASN B 59 11.17 -24.92 -9.64
C ASN B 59 12.46 -24.18 -9.31
N GLY B 60 12.45 -23.43 -8.21
CA GLY B 60 13.65 -22.79 -7.68
C GLY B 60 13.95 -21.37 -8.14
N ARG B 61 13.13 -20.86 -9.06
CA ARG B 61 13.33 -19.53 -9.60
C ARG B 61 13.07 -18.40 -8.58
N ARG B 62 14.01 -17.43 -8.46
CA ARG B 62 13.79 -16.23 -7.60
C ARG B 62 12.70 -15.38 -8.33
N VAL B 63 11.70 -14.98 -7.55
CA VAL B 63 10.79 -13.91 -7.94
C VAL B 63 11.28 -12.67 -7.21
N HIS B 64 11.68 -11.68 -7.99
CA HIS B 64 12.11 -10.43 -7.44
C HIS B 64 10.93 -9.49 -7.53
N ALA B 65 10.55 -8.90 -6.40
CA ALA B 65 9.40 -8.01 -6.37
C ALA B 65 9.87 -6.62 -6.00
N GLU B 66 9.33 -5.62 -6.68
CA GLU B 66 9.58 -4.23 -6.29
C GLU B 66 8.45 -3.32 -6.74
N ARG B 67 8.22 -2.25 -5.97
CA ARG B 67 7.19 -1.30 -6.32
C ARG B 67 7.62 -0.44 -7.47
N ARG B 68 6.67 -0.12 -8.33
CA ARG B 68 6.91 0.73 -9.47
C ARG B 68 5.73 1.67 -9.57
N ALA B 69 5.96 2.82 -10.21
CA ALA B 69 4.95 3.86 -10.33
C ALA B 69 3.85 3.48 -11.32
N VAL B 70 2.65 4.01 -11.11
CA VAL B 70 1.53 3.72 -11.99
C VAL B 70 1.82 4.34 -13.36
N ASP B 71 2.42 5.52 -13.33
CA ASP B 71 2.72 6.28 -14.54
C ASP B 71 4.00 5.82 -15.25
N ASN B 72 4.69 4.84 -14.68
CA ASN B 72 5.88 4.27 -15.31
C ASN B 72 5.50 3.74 -16.70
N PRO B 73 6.14 4.27 -17.74
CA PRO B 73 5.75 3.94 -19.12
C PRO B 73 6.38 2.63 -19.60
N ASP B 74 7.39 2.14 -18.89
CA ASP B 74 8.08 0.90 -19.26
C ASP B 74 7.62 -0.32 -18.45
N LEU B 75 6.36 -0.30 -17.99
CA LEU B 75 5.84 -1.40 -17.19
C LEU B 75 5.80 -2.71 -17.98
N GLY B 76 5.41 -2.64 -19.24
CA GLY B 76 5.33 -3.82 -20.08
C GLY B 76 6.63 -4.57 -20.29
N THR B 77 7.75 -3.85 -20.21
CA THR B 77 9.07 -4.45 -20.46
C THR B 77 9.86 -4.70 -19.18
N LEU B 78 9.45 -4.05 -18.09
CA LEU B 78 10.15 -4.14 -16.82
C LEU B 78 9.60 -5.27 -15.95
N CYS B 79 8.34 -5.63 -16.19
CA CYS B 79 7.61 -6.57 -15.35
C CYS B 79 7.17 -7.84 -16.08
N ASN B 80 7.35 -8.97 -15.43
CA ASN B 80 6.74 -10.20 -15.89
C ASN B 80 5.33 -10.35 -15.33
N VAL B 81 5.19 -10.14 -14.03
CA VAL B 81 3.90 -10.16 -13.37
C VAL B 81 3.64 -8.81 -12.76
N ILE B 82 2.43 -8.30 -12.91
CA ILE B 82 2.05 -7.08 -12.21
C ILE B 82 0.92 -7.36 -11.22
N TYR B 83 1.13 -6.93 -9.99
CA TYR B 83 0.15 -7.03 -8.93
C TYR B 83 -0.36 -5.61 -8.76
N LEU B 84 -1.61 -5.42 -9.11
CA LEU B 84 -2.17 -4.08 -9.21
C LEU B 84 -2.97 -3.72 -7.97
N GLY B 85 -2.57 -2.63 -7.31
CA GLY B 85 -3.29 -2.15 -6.15
C GLY B 85 -4.34 -1.18 -6.63
N VAL B 86 -4.89 -0.39 -5.73
CA VAL B 86 -5.90 0.63 -6.07
C VAL B 86 -5.49 1.65 -7.17
N VAL B 87 -6.25 1.68 -8.28
CA VAL B 87 -6.06 2.67 -9.35
C VAL B 87 -7.43 3.19 -9.80
N ASP B 88 -7.47 4.43 -10.30
CA ASP B 88 -8.72 4.94 -10.89
C ASP B 88 -8.75 4.63 -12.38
N GLU B 89 -9.84 5.02 -13.05
CA GLU B 89 -10.00 4.65 -14.44
C GLU B 89 -8.87 5.14 -15.33
N ARG B 90 -8.44 6.38 -15.13
CA ARG B 90 -7.34 6.94 -15.92
C ARG B 90 -6.04 6.17 -15.70
N GLU B 91 -5.72 5.89 -14.43
CA GLU B 91 -4.51 5.17 -14.07
C GLU B 91 -4.56 3.73 -14.57
N ARG B 92 -5.71 3.10 -14.43
CA ARG B 92 -5.91 1.75 -14.95
C ARG B 92 -5.62 1.68 -16.44
N GLN B 93 -6.32 2.52 -17.22
CA GLN B 93 -6.15 2.56 -18.67
C GLN B 93 -4.70 2.80 -19.04
N GLN B 94 -4.14 3.83 -18.43
CA GLN B 94 -2.73 4.15 -18.59
C GLN B 94 -1.84 2.93 -18.37
N VAL B 95 -2.14 2.16 -17.33
CA VAL B 95 -1.31 1.00 -16.98
C VAL B 95 -1.37 -0.07 -18.07
N PHE B 96 -2.57 -0.31 -18.57
CA PHE B 96 -2.77 -1.36 -19.56
C PHE B 96 -2.31 -0.97 -20.95
N ARG B 97 -2.31 0.32 -21.28
CA ARG B 97 -1.64 0.77 -22.50
C ARG B 97 -0.17 0.39 -22.43
N SER B 98 0.40 0.53 -21.25
CA SER B 98 1.81 0.22 -21.02
C SER B 98 2.11 -1.26 -20.99
N LEU B 99 1.05 -2.07 -20.99
CA LEU B 99 1.19 -3.52 -20.86
C LEU B 99 0.90 -4.23 -22.18
N ALA B 100 -0.05 -3.70 -22.93
CA ALA B 100 -0.46 -4.29 -24.22
C ALA B 100 0.73 -4.46 -25.15
N GLY B 101 0.93 -5.69 -25.62
CA GLY B 101 2.01 -5.97 -26.54
C GLY B 101 3.18 -6.61 -25.82
N HIS B 102 2.95 -6.97 -24.57
CA HIS B 102 3.98 -7.62 -23.79
C HIS B 102 3.39 -8.76 -22.98
N PRO B 103 4.13 -9.88 -22.94
CA PRO B 103 3.75 -11.09 -22.19
C PRO B 103 3.78 -10.87 -20.66
N VAL B 104 2.70 -10.32 -20.12
CA VAL B 104 2.64 -9.93 -18.70
C VAL B 104 1.39 -10.40 -17.97
N LEU B 105 1.59 -11.31 -17.00
CA LEU B 105 0.53 -11.81 -16.11
C LEU B 105 0.07 -10.75 -15.10
N SER B 106 -1.22 -10.46 -15.06
CA SER B 106 -1.72 -9.37 -14.23
C SER B 106 -2.76 -9.78 -13.19
N ILE B 107 -2.55 -9.36 -11.95
CA ILE B 107 -3.38 -9.74 -10.84
C ILE B 107 -3.68 -8.48 -10.04
N SER B 108 -4.85 -8.40 -9.43
CA SER B 108 -5.17 -7.21 -8.69
C SER B 108 -5.76 -7.56 -7.34
N GLU B 109 -5.33 -6.79 -6.34
CA GLU B 109 -5.63 -7.07 -4.96
C GLU B 109 -7.12 -6.96 -4.65
N ARG B 110 -7.82 -6.13 -5.40
CA ARG B 110 -9.27 -6.02 -5.23
C ARG B 110 -9.96 -6.30 -6.54
N GLY B 111 -11.07 -7.04 -6.46
CA GLY B 111 -11.75 -7.46 -7.67
C GLY B 111 -13.17 -7.92 -7.50
N THR B 112 -14.03 -6.99 -7.13
CA THR B 112 -15.47 -7.25 -7.04
C THR B 112 -16.00 -7.69 -8.41
N GLU B 113 -15.57 -6.98 -9.45
CA GLU B 113 -16.13 -7.14 -10.80
C GLU B 113 -15.32 -8.09 -11.71
N CYS B 114 -14.01 -7.87 -11.77
CA CYS B 114 -13.13 -8.55 -12.70
C CYS B 114 -13.62 -8.49 -14.15
N SER B 115 -14.20 -7.37 -14.53
CA SER B 115 -14.75 -7.22 -15.88
C SER B 115 -13.74 -6.61 -16.83
N VAL B 116 -13.06 -5.56 -16.38
CA VAL B 116 -12.07 -4.91 -17.23
C VAL B 116 -10.74 -4.63 -16.52
N GLY B 117 -9.67 -5.19 -17.08
CA GLY B 117 -8.36 -4.98 -16.54
C GLY B 117 -7.54 -6.24 -16.39
N SER B 118 -7.36 -6.67 -15.15
CA SER B 118 -6.41 -7.74 -14.84
C SER B 118 -6.95 -9.11 -15.23
N MET B 119 -6.02 -10.02 -15.49
CA MET B 119 -6.32 -11.42 -15.76
C MET B 119 -7.03 -12.10 -14.59
N PHE B 120 -6.51 -11.87 -13.39
CA PHE B 120 -7.12 -12.41 -12.19
C PHE B 120 -7.34 -11.29 -11.19
N CYS B 121 -8.37 -11.41 -10.36
CA CYS B 121 -8.64 -10.44 -9.30
C CYS B 121 -8.86 -11.18 -7.98
N LEU B 122 -8.08 -10.82 -6.96
CA LEU B 122 -8.17 -11.46 -5.67
C LEU B 122 -9.35 -10.95 -4.91
N ASN B 123 -9.77 -11.75 -3.94
CA ASN B 123 -10.77 -11.37 -3.00
C ASN B 123 -10.32 -11.90 -1.65
N VAL B 124 -9.62 -11.05 -0.91
CA VAL B 124 -8.88 -11.44 0.29
C VAL B 124 -9.78 -11.43 1.51
N GLY B 125 -10.88 -10.69 1.41
CA GLY B 125 -11.89 -10.70 2.44
C GLY B 125 -12.44 -12.11 2.66
N GLY B 126 -12.93 -12.36 3.87
CA GLY B 126 -13.56 -13.62 4.17
C GLY B 126 -12.62 -14.53 4.92
N PRO B 127 -13.10 -15.73 5.26
CA PRO B 127 -12.26 -16.65 6.03
C PRO B 127 -11.08 -17.11 5.19
N ARG B 128 -11.25 -17.18 3.86
CA ARG B 128 -10.19 -17.59 2.92
C ARG B 128 -10.09 -16.69 1.70
N ILE B 129 -8.93 -16.72 1.04
CA ILE B 129 -8.71 -15.92 -0.14
C ILE B 129 -9.28 -16.58 -1.39
N THR B 130 -10.20 -15.90 -2.06
CA THR B 130 -10.68 -16.41 -3.33
C THR B 130 -10.23 -15.51 -4.46
N PHE B 131 -10.43 -15.95 -5.69
CA PHE B 131 -10.16 -15.11 -6.84
C PHE B 131 -11.01 -15.50 -8.04
N GLU B 132 -11.29 -14.53 -8.90
CA GLU B 132 -12.03 -14.80 -10.12
C GLU B 132 -11.13 -14.60 -11.34
N ALA B 133 -11.51 -15.16 -12.49
CA ALA B 133 -10.71 -15.01 -13.70
C ALA B 133 -11.44 -14.16 -14.75
N ASN B 134 -10.68 -13.36 -15.48
CA ASN B 134 -11.20 -12.55 -16.58
C ASN B 134 -10.72 -13.21 -17.87
N LEU B 135 -11.60 -14.01 -18.48
CA LEU B 135 -11.21 -14.88 -19.58
C LEU B 135 -10.70 -14.13 -20.81
N ASP B 136 -11.26 -12.95 -21.03
CA ASP B 136 -10.89 -12.09 -22.14
C ASP B 136 -9.48 -11.54 -21.96
N SER B 137 -9.15 -11.07 -20.76
CA SER B 137 -7.81 -10.56 -20.49
C SER B 137 -6.80 -11.67 -20.63
N ILE B 138 -7.21 -12.86 -20.21
CA ILE B 138 -6.31 -14.00 -20.26
C ILE B 138 -6.01 -14.33 -21.71
N ALA B 139 -7.05 -14.37 -22.54
CA ALA B 139 -6.91 -14.71 -23.95
C ALA B 139 -5.89 -13.81 -24.63
N ARG B 140 -6.06 -12.50 -24.47
CA ARG B 140 -5.15 -11.57 -25.13
C ARG B 140 -4.22 -10.86 -24.17
N SER B 141 -3.16 -11.56 -23.76
CA SER B 141 -2.22 -11.04 -22.76
C SER B 141 -0.75 -11.29 -23.16
N GLY B 142 -0.50 -12.44 -23.78
CA GLY B 142 0.83 -12.74 -24.24
C GLY B 142 1.34 -14.02 -23.62
N VAL B 143 0.81 -14.31 -22.43
CA VAL B 143 1.27 -15.50 -21.72
C VAL B 143 0.29 -16.65 -21.87
N ARG B 144 0.81 -17.86 -21.80
CA ARG B 144 -0.03 -19.05 -21.82
C ARG B 144 -0.48 -19.36 -20.38
N VAL B 145 -1.75 -19.74 -20.22
CA VAL B 145 -2.25 -20.11 -18.91
C VAL B 145 -2.85 -21.52 -18.92
N HIS B 146 -2.21 -22.47 -18.22
CA HIS B 146 -2.77 -23.83 -18.06
C HIS B 146 -4.20 -23.78 -17.56
N PRO B 147 -5.13 -24.39 -18.30
CA PRO B 147 -6.56 -24.17 -18.10
C PRO B 147 -7.02 -24.65 -16.73
N SER B 148 -6.27 -25.60 -16.15
CA SER B 148 -6.56 -26.22 -14.85
C SER B 148 -6.65 -25.22 -13.71
N VAL B 149 -6.09 -24.03 -13.88
CA VAL B 149 -6.10 -23.04 -12.82
C VAL B 149 -7.49 -22.52 -12.53
N LEU B 150 -8.37 -22.57 -13.53
CA LEU B 150 -9.70 -22.02 -13.34
C LEU B 150 -10.43 -22.88 -12.33
N LYS B 151 -9.96 -24.10 -12.17
CA LYS B 151 -10.53 -25.01 -11.19
C LYS B 151 -10.19 -24.55 -9.77
N LEU B 152 -9.18 -23.66 -9.68
CA LEU B 152 -8.79 -23.02 -8.42
C LEU B 152 -9.52 -21.70 -8.19
N ALA B 153 -10.40 -21.34 -9.11
CA ALA B 153 -11.12 -20.08 -9.01
C ALA B 153 -12.52 -20.28 -8.40
N ARG B 154 -13.21 -19.17 -8.18
CA ARG B 154 -14.54 -19.15 -7.58
C ARG B 154 -15.61 -19.34 -8.66
P 5GP C . 0.71 -26.44 -27.84
O1P 5GP C . -0.47 -25.90 -28.62
O2P 5GP C . 0.52 -27.92 -27.72
O3P 5GP C . 1.97 -26.18 -28.61
O5' 5GP C . 0.83 -25.75 -26.38
C5' 5GP C . 2.06 -25.29 -25.78
C4' 5GP C . 1.84 -25.08 -24.31
O4' 5GP C . 2.46 -26.15 -23.58
C3' 5GP C . 2.52 -23.94 -23.68
O3' 5GP C . 1.85 -22.70 -23.83
C2' 5GP C . 2.34 -24.27 -22.28
O2' 5GP C . 1.01 -24.09 -21.84
C1' 5GP C . 2.64 -25.68 -22.24
N9 5GP C . 3.97 -25.89 -21.83
C8 5GP C . 5.05 -25.46 -22.47
N7 5GP C . 6.17 -25.85 -21.79
C5 5GP C . 5.78 -26.55 -20.67
C6 5GP C . 6.47 -27.18 -19.59
O6 5GP C . 7.69 -27.17 -19.53
N1 5GP C . 5.72 -27.79 -18.64
C2 5GP C . 4.40 -27.80 -18.69
N2 5GP C . 3.70 -28.43 -17.67
N3 5GP C . 3.71 -27.21 -19.68
C4 5GP C . 4.37 -26.58 -20.68
#